data_1EU6
#
_entry.id   1EU6
#
_cell.length_a   1.000
_cell.length_b   1.000
_cell.length_c   1.000
_cell.angle_alpha   90.00
_cell.angle_beta   90.00
_cell.angle_gamma   90.00
#
_symmetry.space_group_name_H-M   'P 1'
#
_entity_poly.entity_id   1
_entity_poly.type   'polydeoxyribonucleotide'
_entity_poly.pdbx_seq_one_letter_code
;(DC)(DA)(DT)(DT)(DC)(DA)(DT)(DT)
;
_entity_poly.pdbx_strand_id   A,B
#